data_5BQX
#
_entry.id   5BQX
#
_cell.length_a   111.061
_cell.length_b   111.061
_cell.length_c   35.889
_cell.angle_alpha   90.00
_cell.angle_beta   90.00
_cell.angle_gamma   90.00
#
_symmetry.space_group_name_H-M   'P 41 21 2'
#
loop_
_entity.id
_entity.type
_entity.pdbx_description
1 polymer 'Stimulator of interferon genes protein'
2 non-polymer "3'2'-cGAMP"
3 water water
#
_entity_poly.entity_id   1
_entity_poly.type   'polypeptide(L)'
_entity_poly.pdbx_seq_one_letter_code
;GLAPAEISAVCEKGNFNVAHGLAWSYYIGYLRLILPELQARIRTYNQHYNNLLRGAVSQRLYILLPLDCGVPDNLSMADP
NIRFLDKLPQQTGDRAGIKDRVYSNSIYELLENGQRAGTCVLEYATPLQTLFAMSQYSQAGFSREDRLEQAKLFCRTLED
ILADAPESQNNCRLIAYQEPADDSSFSLSQEVLRHLRQEEKEEVTVGSLKTSAVPSTSTMSQEPELLISGMEKPLPLRTD
FS
;
_entity_poly.pdbx_strand_id   A
#
loop_
_chem_comp.id
_chem_comp.type
_chem_comp.name
_chem_comp.formula
4UR non-polymer 3'2'-cGAMP 'C20 H24 N10 O13 P2'
#
# COMPACT_ATOMS: atom_id res chain seq x y z
N ASN A 15 2.19 21.45 11.67
CA ASN A 15 2.53 20.05 11.41
C ASN A 15 2.34 19.65 9.95
N PHE A 16 2.38 20.62 9.04
CA PHE A 16 2.32 20.29 7.60
C PHE A 16 3.50 19.39 7.29
N ASN A 17 4.64 19.76 7.84
CA ASN A 17 5.86 18.98 7.64
C ASN A 17 5.73 17.56 8.17
N VAL A 18 4.64 17.27 8.90
CA VAL A 18 4.43 15.91 9.41
C VAL A 18 4.22 14.94 8.26
N ALA A 19 3.15 15.11 7.49
CA ALA A 19 2.91 14.20 6.36
C ALA A 19 4.04 14.24 5.34
N HIS A 20 4.67 15.40 5.18
CA HIS A 20 5.77 15.53 4.23
C HIS A 20 6.90 14.57 4.56
N GLY A 21 7.39 14.65 5.80
CA GLY A 21 8.40 13.73 6.28
C GLY A 21 7.97 12.27 6.25
N LEU A 22 6.72 11.99 6.55
CA LEU A 22 6.28 10.57 6.54
C LEU A 22 6.31 10.01 5.12
N ALA A 23 5.94 10.83 4.15
CA ALA A 23 5.97 10.39 2.74
C ALA A 23 7.40 10.13 2.29
N TRP A 24 8.32 11.05 2.64
CA TRP A 24 9.71 10.85 2.27
C TRP A 24 10.30 9.63 2.97
N SER A 25 9.88 9.40 4.21
CA SER A 25 10.30 8.21 4.95
C SER A 25 9.80 6.92 4.30
N TYR A 26 8.54 6.94 3.89
CA TYR A 26 7.92 5.82 3.19
C TYR A 26 8.70 5.51 1.91
N TYR A 27 9.11 6.56 1.19
CA TYR A 27 9.90 6.34 -0.03
C TYR A 27 11.32 5.87 0.31
N ILE A 28 12.03 6.64 1.15
CA ILE A 28 13.43 6.34 1.42
C ILE A 28 13.60 4.97 2.13
N GLY A 29 12.76 4.67 3.11
CA GLY A 29 13.00 3.49 3.93
C GLY A 29 12.22 2.26 3.49
N TYR A 30 11.46 2.41 2.41
CA TYR A 30 10.64 1.28 1.95
C TYR A 30 10.52 1.14 0.44
N LEU A 31 9.76 2.05 -0.17
CA LEU A 31 9.49 1.93 -1.60
C LEU A 31 10.77 1.91 -2.44
N ARG A 32 11.78 2.69 -2.08
CA ARG A 32 12.93 2.74 -2.96
C ARG A 32 13.73 1.46 -2.82
N LEU A 33 13.56 0.77 -1.68
CA LEU A 33 14.26 -0.48 -1.42
C LEU A 33 13.54 -1.68 -2.05
N ILE A 34 12.21 -1.69 -2.02
CA ILE A 34 11.51 -2.90 -2.45
C ILE A 34 11.02 -2.87 -3.89
N LEU A 35 10.73 -1.68 -4.43
CA LEU A 35 10.21 -1.57 -5.80
C LEU A 35 11.14 -2.15 -6.88
N PRO A 36 12.46 -1.91 -6.78
CA PRO A 36 13.39 -2.47 -7.77
C PRO A 36 13.40 -3.99 -7.83
N GLU A 37 13.11 -4.67 -6.72
CA GLU A 37 13.18 -6.14 -6.70
C GLU A 37 11.81 -6.79 -6.85
N LEU A 38 10.75 -5.98 -6.81
CA LEU A 38 9.39 -6.49 -6.77
C LEU A 38 9.02 -7.35 -7.99
N GLN A 39 9.32 -6.91 -9.19
CA GLN A 39 8.94 -7.69 -10.37
C GLN A 39 9.64 -9.05 -10.38
N ALA A 40 10.86 -9.11 -9.88
CA ALA A 40 11.56 -10.39 -9.82
C ALA A 40 10.94 -11.30 -8.76
N ARG A 41 10.48 -10.72 -7.65
CA ARG A 41 9.82 -11.50 -6.61
C ARG A 41 8.49 -12.04 -7.09
N ILE A 42 7.75 -11.22 -7.84
CA ILE A 42 6.48 -11.64 -8.43
C ILE A 42 6.70 -12.71 -9.50
N ARG A 43 7.69 -12.50 -10.36
CA ARG A 43 7.99 -13.49 -11.40
C ARG A 43 8.42 -14.82 -10.76
N THR A 44 9.15 -14.73 -9.65
CA THR A 44 9.54 -15.92 -8.91
C THR A 44 8.31 -16.65 -8.40
N TYR A 45 7.40 -15.89 -7.79
CA TYR A 45 6.15 -16.48 -7.29
C TYR A 45 5.35 -17.10 -8.45
N ASN A 46 5.12 -16.33 -9.51
CA ASN A 46 4.34 -16.80 -10.66
C ASN A 46 4.83 -18.11 -11.25
N GLN A 47 6.14 -18.33 -11.19
CA GLN A 47 6.75 -19.49 -11.80
C GLN A 47 6.95 -20.66 -10.83
N HIS A 48 7.08 -20.35 -9.54
CA HIS A 48 7.52 -21.35 -8.58
C HIS A 48 6.39 -21.89 -7.69
N TYR A 49 5.47 -21.01 -7.31
CA TYR A 49 4.40 -21.36 -6.39
C TYR A 49 3.04 -21.12 -7.03
N ASN A 50 2.89 -21.57 -8.28
CA ASN A 50 1.67 -21.38 -9.05
C ASN A 50 1.81 -21.88 -10.49
N ARG A 54 -4.49 -20.95 -10.53
CA ARG A 54 -4.53 -19.54 -10.16
C ARG A 54 -3.90 -18.68 -11.27
N GLY A 55 -4.57 -17.61 -11.63
CA GLY A 55 -4.07 -16.71 -12.67
C GLY A 55 -2.81 -15.97 -12.25
N ALA A 56 -2.30 -15.12 -13.14
CA ALA A 56 -1.05 -14.42 -12.90
C ALA A 56 -1.24 -13.25 -11.94
N VAL A 57 -0.32 -13.13 -10.99
CA VAL A 57 -0.26 -11.95 -10.14
C VAL A 57 0.09 -10.72 -10.98
N SER A 58 -0.66 -9.64 -10.82
CA SER A 58 -0.32 -8.40 -11.51
C SER A 58 1.08 -7.92 -11.14
N GLN A 59 1.65 -7.06 -11.99
CA GLN A 59 3.06 -6.65 -11.89
C GLN A 59 3.34 -5.43 -11.02
N ARG A 60 2.30 -4.79 -10.49
CA ARG A 60 2.52 -3.58 -9.69
C ARG A 60 2.16 -3.80 -8.23
N LEU A 61 2.85 -3.08 -7.35
CA LEU A 61 2.44 -3.00 -5.96
C LEU A 61 1.30 -1.99 -5.82
N TYR A 62 0.14 -2.46 -5.35
CA TYR A 62 -1.01 -1.59 -5.18
C TYR A 62 -1.10 -1.08 -3.72
N ILE A 63 -1.06 0.23 -3.55
CA ILE A 63 -0.99 0.84 -2.22
C ILE A 63 -2.30 1.57 -1.93
N LEU A 64 -2.97 1.16 -0.85
CA LEU A 64 -4.26 1.73 -0.48
C LEU A 64 -4.09 2.95 0.41
N LEU A 65 -4.69 4.06 0.00
CA LEU A 65 -4.59 5.30 0.78
C LEU A 65 -5.97 5.86 1.16
N PRO A 66 -6.59 5.29 2.20
CA PRO A 66 -7.84 5.84 2.71
C PRO A 66 -7.63 7.19 3.35
N LEU A 67 -8.30 8.22 2.85
CA LEU A 67 -8.06 9.56 3.38
C LEU A 67 -8.63 9.72 4.81
N ASP A 68 -9.48 8.81 5.27
CA ASP A 68 -9.92 8.90 6.66
C ASP A 68 -8.86 8.27 7.61
N CYS A 69 -7.74 7.84 7.04
CA CYS A 69 -6.66 7.19 7.79
C CYS A 69 -7.13 5.99 8.64
N GLY A 70 -8.25 5.39 8.26
CA GLY A 70 -8.74 4.16 8.89
C GLY A 70 -8.04 2.97 8.24
N VAL A 71 -7.04 2.44 8.92
CA VAL A 71 -6.23 1.37 8.34
C VAL A 71 -6.33 0.09 9.18
N PRO A 72 -7.25 -0.80 8.80
CA PRO A 72 -7.37 -2.08 9.49
C PRO A 72 -6.11 -2.90 9.26
N ASP A 73 -5.74 -3.76 10.20
CA ASP A 73 -4.56 -4.58 9.95
C ASP A 73 -4.88 -5.79 9.09
N ASN A 74 -6.14 -6.19 9.10
CA ASN A 74 -6.62 -7.32 8.29
C ASN A 74 -7.48 -6.82 7.13
N LEU A 75 -6.93 -6.89 5.92
CA LEU A 75 -7.59 -6.37 4.72
C LEU A 75 -8.95 -7.03 4.42
N SER A 76 -9.09 -8.33 4.69
CA SER A 76 -10.36 -8.99 4.43
C SER A 76 -11.47 -8.40 5.30
N MET A 77 -11.08 -7.75 6.40
CA MET A 77 -12.02 -7.08 7.29
C MET A 77 -12.64 -5.82 6.68
N ALA A 78 -11.89 -5.15 5.82
CA ALA A 78 -12.39 -3.94 5.18
C ALA A 78 -13.38 -4.29 4.07
N ASP A 79 -13.17 -5.46 3.46
CA ASP A 79 -13.99 -5.95 2.37
C ASP A 79 -13.77 -7.47 2.21
N PRO A 80 -14.83 -8.26 2.39
CA PRO A 80 -14.70 -9.72 2.26
C PRO A 80 -14.34 -10.17 0.84
N ASN A 81 -14.55 -9.31 -0.17
CA ASN A 81 -14.18 -9.62 -1.55
C ASN A 81 -12.68 -9.45 -1.82
N ILE A 82 -11.93 -9.12 -0.76
CA ILE A 82 -10.48 -9.07 -0.86
C ILE A 82 -9.96 -10.19 0.02
N ARG A 83 -9.41 -11.22 -0.59
CA ARG A 83 -9.08 -12.44 0.14
C ARG A 83 -7.61 -12.76 0.04
N PHE A 84 -6.97 -13.01 1.19
CA PHE A 84 -5.54 -13.29 1.23
C PHE A 84 -5.25 -14.56 0.42
N LEU A 85 -4.26 -14.51 -0.46
CA LEU A 85 -3.89 -15.69 -1.23
C LEU A 85 -2.61 -16.33 -0.71
N ASP A 86 -1.56 -15.51 -0.55
CA ASP A 86 -0.25 -16.02 -0.19
C ASP A 86 0.71 -14.87 0.09
N LYS A 87 1.87 -15.19 0.64
CA LYS A 87 2.91 -14.18 0.81
C LYS A 87 3.85 -14.22 -0.39
N LEU A 88 4.31 -13.06 -0.84
CA LEU A 88 5.43 -13.04 -1.78
C LEU A 88 6.65 -13.65 -1.09
N PRO A 89 7.59 -14.20 -1.87
CA PRO A 89 8.86 -14.55 -1.22
C PRO A 89 9.43 -13.31 -0.52
N GLN A 90 9.90 -13.46 0.72
CA GLN A 90 10.42 -12.32 1.47
C GLN A 90 11.66 -11.71 0.83
N GLN A 91 11.88 -10.44 1.11
CA GLN A 91 13.14 -9.77 0.79
C GLN A 91 13.91 -9.47 2.07
N THR A 92 15.20 -9.74 2.10
CA THR A 92 15.98 -9.48 3.30
C THR A 92 17.25 -8.70 2.98
N GLY A 93 17.68 -7.89 3.94
CA GLY A 93 19.00 -7.28 3.87
C GLY A 93 19.38 -6.69 5.21
N ASP A 94 20.68 -6.47 5.42
CA ASP A 94 21.16 -5.78 6.61
C ASP A 94 20.67 -4.34 6.62
N ARG A 95 20.10 -3.90 7.73
CA ARG A 95 19.50 -2.57 7.77
C ARG A 95 19.73 -1.90 9.13
N ALA A 96 20.63 -0.94 9.17
CA ALA A 96 20.80 -0.12 10.36
C ALA A 96 21.15 -0.97 11.59
N GLY A 97 22.00 -1.98 11.42
CA GLY A 97 22.38 -2.84 12.52
C GLY A 97 21.55 -4.09 12.71
N ILE A 98 20.46 -4.22 11.94
CA ILE A 98 19.62 -5.39 11.99
C ILE A 98 20.03 -6.38 10.90
N LYS A 99 20.54 -7.54 11.27
CA LYS A 99 20.98 -8.48 10.25
C LYS A 99 19.76 -9.13 9.61
N ASP A 100 19.76 -9.19 8.29
CA ASP A 100 18.65 -9.80 7.55
C ASP A 100 17.29 -9.27 8.00
N ARG A 101 17.14 -7.95 7.97
CA ARG A 101 15.80 -7.39 8.19
C ARG A 101 14.87 -7.91 7.08
N VAL A 102 13.64 -8.25 7.45
CA VAL A 102 12.71 -8.89 6.52
C VAL A 102 11.64 -7.91 6.02
N TYR A 103 11.50 -7.83 4.71
CA TYR A 103 10.40 -7.05 4.11
C TYR A 103 9.39 -8.00 3.49
N SER A 104 8.15 -7.86 3.90
CA SER A 104 7.12 -8.82 3.59
C SER A 104 6.03 -8.15 2.80
N ASN A 105 5.44 -8.91 1.88
CA ASN A 105 4.29 -8.42 1.12
C ASN A 105 3.30 -9.55 0.89
N SER A 106 2.02 -9.18 0.87
CA SER A 106 0.94 -10.16 0.78
C SER A 106 0.25 -10.05 -0.56
N ILE A 107 -0.14 -11.21 -1.11
CA ILE A 107 -0.87 -11.29 -2.35
C ILE A 107 -2.35 -11.53 -2.05
N TYR A 108 -3.22 -10.80 -2.73
CA TYR A 108 -4.66 -10.91 -2.51
C TYR A 108 -5.42 -11.22 -3.79
N GLU A 109 -6.49 -11.98 -3.67
CA GLU A 109 -7.41 -12.17 -4.78
C GLU A 109 -8.57 -11.21 -4.59
N LEU A 110 -9.06 -10.62 -5.69
CA LEU A 110 -10.23 -9.76 -5.66
C LEU A 110 -11.40 -10.49 -6.32
N LEU A 111 -12.48 -10.64 -5.57
CA LEU A 111 -13.69 -11.26 -6.05
C LEU A 111 -14.74 -10.23 -6.49
N GLU A 112 -15.57 -10.62 -7.44
CA GLU A 112 -16.61 -9.78 -7.96
C GLU A 112 -17.77 -10.70 -8.31
N ASN A 113 -18.88 -10.56 -7.58
CA ASN A 113 -20.02 -11.45 -7.69
CA ASN A 113 -20.02 -11.45 -7.72
C ASN A 113 -19.62 -12.93 -7.72
N GLY A 114 -18.73 -13.30 -6.79
CA GLY A 114 -18.30 -14.68 -6.63
C GLY A 114 -17.26 -15.22 -7.61
N GLN A 115 -16.78 -14.37 -8.51
CA GLN A 115 -15.72 -14.73 -9.45
C GLN A 115 -14.39 -14.11 -9.02
N ARG A 116 -13.28 -14.86 -9.15
CA ARG A 116 -11.96 -14.27 -8.98
C ARG A 116 -11.74 -13.36 -10.20
N ALA A 117 -11.59 -12.07 -9.94
CA ALA A 117 -11.52 -11.07 -11.01
C ALA A 117 -10.13 -10.44 -11.13
N GLY A 118 -9.31 -10.58 -10.11
CA GLY A 118 -7.94 -10.08 -10.19
C GLY A 118 -7.06 -10.60 -9.07
N THR A 119 -5.75 -10.50 -9.26
CA THR A 119 -4.81 -10.95 -8.25
C THR A 119 -3.66 -9.94 -8.19
N CYS A 120 -3.35 -9.46 -6.99
CA CYS A 120 -2.31 -8.47 -6.88
C CYS A 120 -1.66 -8.41 -5.51
N VAL A 121 -0.45 -7.87 -5.49
CA VAL A 121 0.20 -7.47 -4.26
C VAL A 121 -0.42 -6.15 -3.79
N LEU A 122 -0.95 -6.17 -2.56
CA LEU A 122 -1.85 -5.14 -2.09
C LEU A 122 -1.59 -4.87 -0.62
N GLU A 123 -1.52 -3.61 -0.23
CA GLU A 123 -1.37 -3.26 1.17
C GLU A 123 -1.82 -1.83 1.43
N TYR A 124 -2.02 -1.48 2.71
CA TYR A 124 -2.27 -0.10 3.07
C TYR A 124 -0.95 0.65 3.21
N ALA A 125 -0.97 1.95 2.96
CA ALA A 125 0.16 2.81 3.32
C ALA A 125 0.22 2.98 4.85
N THR A 126 1.13 2.24 5.49
CA THR A 126 1.23 2.20 6.96
C THR A 126 1.38 3.60 7.62
N PRO A 127 2.10 4.53 6.98
CA PRO A 127 2.20 5.86 7.61
C PRO A 127 0.85 6.54 7.92
N LEU A 128 -0.23 6.16 7.22
CA LEU A 128 -1.52 6.74 7.54
C LEU A 128 -1.96 6.33 8.94
N GLN A 129 -1.51 5.14 9.39
CA GLN A 129 -1.71 4.71 10.77
C GLN A 129 -0.97 5.57 11.78
N THR A 130 0.18 6.11 11.41
CA THR A 130 0.89 7.01 12.30
C THR A 130 0.13 8.32 12.44
N LEU A 131 -0.37 8.84 11.31
CA LEU A 131 -1.15 10.06 11.36
C LEU A 131 -2.31 9.87 12.31
N PHE A 132 -3.00 8.75 12.17
CA PHE A 132 -4.17 8.49 12.96
C PHE A 132 -3.80 8.46 14.46
N ALA A 133 -2.79 7.66 14.80
CA ALA A 133 -2.43 7.49 16.22
C ALA A 133 -1.88 8.78 16.81
N MET A 134 -1.13 9.54 16.02
CA MET A 134 -0.64 10.84 16.46
C MET A 134 -1.81 11.75 16.82
N SER A 135 -2.87 11.69 16.03
CA SER A 135 -4.00 12.57 16.32
C SER A 135 -4.68 12.19 17.65
N GLN A 136 -4.41 10.98 18.14
CA GLN A 136 -5.01 10.50 19.40
C GLN A 136 -4.17 10.80 20.66
N TYR A 137 -2.87 11.01 20.47
CA TYR A 137 -1.95 11.16 21.60
C TYR A 137 -1.81 12.62 21.94
N SER A 138 -2.16 13.00 23.16
CA SER A 138 -2.16 14.41 23.54
C SER A 138 -0.75 15.01 23.42
N GLN A 139 0.28 14.22 23.67
CA GLN A 139 1.65 14.72 23.65
C GLN A 139 2.17 15.00 22.22
N ALA A 140 1.49 14.47 21.21
CA ALA A 140 1.89 14.67 19.81
C ALA A 140 1.53 16.06 19.26
N GLY A 141 0.58 16.73 19.88
CA GLY A 141 0.19 18.07 19.42
C GLY A 141 -0.31 18.04 17.99
N PHE A 142 -1.04 16.97 17.67
CA PHE A 142 -1.61 16.79 16.34
C PHE A 142 -3.13 16.80 16.46
N SER A 143 -3.76 17.81 15.87
CA SER A 143 -5.20 17.95 16.01
C SER A 143 -5.97 16.86 15.27
N ARG A 144 -6.90 16.22 15.98
CA ARG A 144 -7.77 15.22 15.37
C ARG A 144 -8.44 15.75 14.10
N GLU A 145 -8.80 17.04 14.09
CA GLU A 145 -9.41 17.68 12.92
C GLU A 145 -8.51 17.74 11.68
N ASP A 146 -7.24 17.41 11.85
CA ASP A 146 -6.24 17.64 10.81
C ASP A 146 -5.83 16.39 10.05
N ARG A 147 -6.48 15.29 10.38
CA ARG A 147 -6.21 14.00 9.77
C ARG A 147 -6.43 14.01 8.25
N LEU A 148 -7.56 14.56 7.81
CA LEU A 148 -7.85 14.55 6.37
C LEU A 148 -6.81 15.38 5.59
N GLU A 149 -6.49 16.56 6.12
CA GLU A 149 -5.53 17.46 5.46
C GLU A 149 -4.14 16.83 5.35
N GLN A 150 -3.68 16.21 6.43
CA GLN A 150 -2.37 15.57 6.41
C GLN A 150 -2.37 14.35 5.49
N ALA A 151 -3.47 13.60 5.50
CA ALA A 151 -3.58 12.44 4.61
C ALA A 151 -3.49 12.84 3.14
N LYS A 152 -4.15 13.93 2.78
CA LYS A 152 -4.09 14.46 1.43
C LYS A 152 -2.67 14.87 1.08
N LEU A 153 -2.02 15.58 2.00
CA LEU A 153 -0.65 16.03 1.74
C LEU A 153 0.29 14.83 1.61
N PHE A 154 0.06 13.82 2.43
CA PHE A 154 0.82 12.57 2.31
C PHE A 154 0.69 11.99 0.91
N CYS A 155 -0.55 11.93 0.44
CA CYS A 155 -0.80 11.36 -0.88
CA CYS A 155 -0.81 11.37 -0.89
C CYS A 155 -0.14 12.20 -1.98
N ARG A 156 -0.32 13.52 -1.92
CA ARG A 156 0.27 14.43 -2.91
C ARG A 156 1.80 14.37 -2.91
N THR A 157 2.39 14.31 -1.73
CA THR A 157 3.85 14.26 -1.64
C THR A 157 4.35 12.97 -2.27
N LEU A 158 3.69 11.85 -1.95
CA LEU A 158 4.12 10.54 -2.40
C LEU A 158 4.00 10.46 -3.91
N GLU A 159 2.86 10.91 -4.43
CA GLU A 159 2.62 11.04 -5.85
C GLU A 159 3.73 11.85 -6.56
N ASP A 160 4.08 13.01 -6.02
CA ASP A 160 5.15 13.83 -6.60
C ASP A 160 6.50 13.08 -6.54
N ILE A 161 6.76 12.41 -5.43
CA ILE A 161 7.98 11.60 -5.31
C ILE A 161 8.05 10.50 -6.37
N LEU A 162 7.01 9.67 -6.42
CA LEU A 162 6.97 8.55 -7.37
C LEU A 162 6.99 8.99 -8.84
N ALA A 163 6.45 10.16 -9.12
CA ALA A 163 6.38 10.68 -10.47
C ALA A 163 7.78 10.83 -11.02
N ASP A 164 8.75 11.05 -10.12
CA ASP A 164 10.09 11.35 -10.57
C ASP A 164 11.11 10.33 -10.07
N ALA A 165 10.65 9.28 -9.42
CA ALA A 165 11.57 8.30 -8.84
C ALA A 165 12.01 7.24 -9.85
N PRO A 166 13.33 7.02 -9.99
CA PRO A 166 13.88 6.02 -10.91
C PRO A 166 13.35 4.60 -10.64
N GLU A 167 13.16 4.23 -9.37
CA GLU A 167 12.69 2.88 -9.04
C GLU A 167 11.21 2.67 -9.39
N SER A 168 10.47 3.75 -9.59
CA SER A 168 9.09 3.61 -10.06
C SER A 168 9.08 3.53 -11.59
N GLN A 169 8.73 2.36 -12.10
CA GLN A 169 8.75 2.12 -13.53
C GLN A 169 7.57 1.25 -13.89
N ASN A 170 6.37 1.77 -13.60
CA ASN A 170 5.15 0.99 -13.83
C ASN A 170 5.14 -0.25 -12.96
N ASN A 171 5.51 -0.07 -11.69
CA ASN A 171 5.51 -1.17 -10.73
C ASN A 171 4.93 -0.74 -9.38
N CYS A 172 4.31 0.43 -9.38
CA CYS A 172 3.66 0.96 -8.21
C CYS A 172 2.37 1.70 -8.60
N ARG A 173 1.30 1.55 -7.81
CA ARG A 173 0.04 2.27 -8.09
C ARG A 173 -0.62 2.71 -6.78
N LEU A 174 -0.88 4.01 -6.66
CA LEU A 174 -1.52 4.54 -5.46
C LEU A 174 -3.04 4.57 -5.61
N ILE A 175 -3.75 4.13 -4.58
CA ILE A 175 -5.19 4.16 -4.61
C ILE A 175 -5.74 4.94 -3.43
N ALA A 176 -6.11 6.20 -3.68
CA ALA A 176 -6.57 7.08 -2.62
C ALA A 176 -8.06 7.25 -2.76
N TYR A 177 -8.77 7.35 -1.64
CA TYR A 177 -10.22 7.37 -1.67
C TYR A 177 -10.81 7.86 -0.36
N GLN A 178 -12.00 8.46 -0.48
CA GLN A 178 -12.84 8.80 0.66
C GLN A 178 -14.09 7.94 0.62
N GLU A 179 -14.48 7.38 1.76
CA GLU A 179 -15.80 6.78 1.86
C GLU A 179 -16.79 7.86 2.28
N PRO A 180 -17.96 7.91 1.62
CA PRO A 180 -18.96 8.93 1.91
C PRO A 180 -19.83 8.55 3.11
N SER A 185 -23.20 2.69 -1.81
CA SER A 185 -22.22 2.47 -0.75
C SER A 185 -20.83 2.51 -1.33
N PHE A 186 -19.84 2.01 -0.58
CA PHE A 186 -18.48 1.96 -1.10
C PHE A 186 -17.97 0.53 -1.17
N SER A 187 -17.35 0.20 -2.30
CA SER A 187 -16.73 -1.11 -2.48
C SER A 187 -15.25 -0.95 -2.72
N LEU A 188 -14.46 -1.31 -1.72
CA LEU A 188 -13.01 -1.21 -1.83
C LEU A 188 -12.49 -2.17 -2.91
N SER A 189 -13.08 -3.35 -3.01
CA SER A 189 -12.66 -4.32 -4.02
C SER A 189 -12.90 -3.79 -5.43
N GLN A 190 -14.02 -3.08 -5.62
CA GLN A 190 -14.37 -2.53 -6.93
C GLN A 190 -13.44 -1.39 -7.29
N GLU A 191 -13.03 -0.63 -6.28
CA GLU A 191 -12.07 0.45 -6.44
C GLU A 191 -10.72 -0.09 -6.92
N VAL A 192 -10.27 -1.18 -6.31
CA VAL A 192 -9.01 -1.82 -6.72
C VAL A 192 -9.14 -2.43 -8.12
N LEU A 193 -10.23 -3.15 -8.36
CA LEU A 193 -10.46 -3.76 -9.67
C LEU A 193 -10.51 -2.75 -10.82
N ARG A 194 -11.04 -1.56 -10.55
CA ARG A 194 -11.02 -0.48 -11.54
C ARG A 194 -9.59 -0.18 -12.00
N HIS A 195 -8.65 -0.06 -11.06
CA HIS A 195 -7.26 0.22 -11.41
C HIS A 195 -6.59 -0.95 -12.12
N LEU A 196 -6.94 -2.17 -11.70
CA LEU A 196 -6.42 -3.38 -12.32
C LEU A 196 -6.91 -3.52 -13.76
N ARG A 197 -8.19 -3.24 -13.97
CA ARG A 197 -8.78 -3.26 -15.31
C ARG A 197 -7.98 -2.37 -16.28
N GLN A 198 -7.72 -1.13 -15.88
CA GLN A 198 -6.94 -0.18 -16.68
C GLN A 198 -5.58 -0.74 -17.10
N GLU A 199 -4.82 -1.23 -16.12
CA GLU A 199 -3.51 -1.82 -16.35
C GLU A 199 -3.55 -2.90 -17.43
C21 4UR B . 8.84 3.64 11.95
C22 4UR B . 7.37 3.36 11.59
C28 4UR B . 7.31 2.07 7.32
N01 4UR B . 4.85 -3.87 3.73
C02 4UR B . 5.99 -3.43 4.43
N03 4UR B . 6.21 -2.09 4.59
C04 4UR B . 7.38 -1.76 5.30
C05 4UR B . 8.30 -2.67 5.84
N06 4UR B . 9.36 -2.00 6.48
C07 4UR B . 9.09 -0.70 6.34
N08 4UR B . 7.89 -0.49 5.60
C09 4UR B . 7.32 0.84 5.30
O10 4UR B . 8.31 1.86 5.22
C11 4UR B . 8.10 2.84 6.28
C12 4UR B . 9.45 3.37 6.82
O13 4UR B . 10.27 2.35 7.29
P14 4UR B . 11.71 2.46 8.05
O15 4UR B . 12.19 1.02 8.33
O16 4UR B . 12.58 3.33 7.20
O17 4UR B . 11.50 3.06 9.60
C18 4UR B . 10.32 2.79 10.24
C19 4UR B . 9.63 4.08 10.73
O20 4UR B . 10.57 5.08 11.10
O23 4UR B . 7.31 2.28 10.70
P24 4UR B . 6.00 2.14 9.63
O25 4UR B . 4.96 3.12 10.16
O26 4UR B . 5.55 0.73 9.44
O27 4UR B . 6.61 2.81 8.25
C29 4UR B . 6.39 1.28 6.41
O30 4UR B . 5.32 2.10 6.00
O31 4UR B . 9.50 2.45 12.46
C32 4UR B . 10.56 2.08 11.59
N33 4UR B . 10.54 0.55 11.49
C34 4UR B . 9.42 -0.17 11.06
N35 4UR B . 9.61 -1.52 11.06
C36 4UR B . 10.92 -1.73 11.53
C37 4UR B . 11.70 -2.93 11.73
N38 4UR B . 11.21 -4.24 11.51
N39 4UR B . 12.99 -2.80 12.21
C40 4UR B . 13.47 -1.52 12.45
N41 4UR B . 12.82 -0.33 12.28
C42 4UR B . 11.52 -0.45 11.79
C43 4UR B . 8.07 -4.10 5.69
O44 4UR B . 8.73 -5.06 6.07
N45 4UR B . 6.86 -4.43 4.95
H211 4UR B . 8.85 4.45 12.72
H221 4UR B . 6.81 3.13 12.52
H222 4UR B . 6.89 4.23 11.15
H281 4UR B . 8.02 1.39 7.79
H012 4UR B . 4.10 -4.42 4.10
H011 4UR B . 4.71 -3.67 2.76
H071 4UR B . 9.69 0.14 6.72
H091 4UR B . 6.78 0.68 4.35
H111 4UR B . 7.49 3.68 5.86
H121 4UR B . 9.24 4.10 7.61
H122 4UR B . 10.00 3.89 6.05
H181 4UR B . 9.61 2.23 9.65
H191 4UR B . 8.93 4.45 9.97
H201 4UR B . 10.12 5.90 11.20
H291 4UR B . 6.00 0.44 7.01
H301 4UR B . 4.49 1.66 6.13
H321 4UR B . 11.55 2.25 11.99
H341 4UR B . 8.51 0.37 10.76
H381 4UR B . 11.48 -5.01 12.05
H382 4UR B . 10.57 -4.50 10.79
H401 4UR B . 14.52 -1.44 12.82
H451 4UR B . 6.65 -5.42 4.80
#